data_6HKS
#
_entry.id   6HKS
#
_cell.length_a   46.620
_cell.length_b   77.430
_cell.length_c   130.030
_cell.angle_alpha   90.000
_cell.angle_beta   90.140
_cell.angle_gamma   90.000
#
_symmetry.space_group_name_H-M   'P 1 21 1'
#
loop_
_entity.id
_entity.type
_entity.pdbx_description
1 polymer 'Tyrosine-protein phosphatase non-receptor type 3'
2 polymer 'Protein E6'
3 non-polymer 'IODIDE ION'
4 water water
#
loop_
_entity_poly.entity_id
_entity_poly.type
_entity_poly.pdbx_seq_one_letter_code
_entity_poly.pdbx_strand_id
1 'polypeptide(L)'
;GAMGSSTEDASQYYCDKNDNGDSYLVLIRITPDEDGKFGFNLKGGVDQKMPLVVSRINPESPADTCIPKLNEGDQIVLIN
GRDISEHTHDQVVMFIKASRESHSRELALVIRRR
;
A,B,C,D,E,F
2 'polypeptide(L)' RSSRTRRETQL G,H,I,J,K,L
#
loop_
_chem_comp.id
_chem_comp.type
_chem_comp.name
_chem_comp.formula
IOD non-polymer 'IODIDE ION' 'I -1'
#
# COMPACT_ATOMS: atom_id res chain seq x y z
N ASP A 22 6.21 -5.00 -3.42
CA ASP A 22 6.04 -5.53 -4.77
C ASP A 22 5.66 -7.01 -4.72
N SER A 23 6.68 -7.88 -4.81
CA SER A 23 6.54 -9.32 -4.92
C SER A 23 6.37 -9.96 -3.54
N TYR A 24 5.96 -11.23 -3.54
CA TYR A 24 5.72 -11.92 -2.28
C TYR A 24 6.03 -13.40 -2.42
N LEU A 25 6.17 -14.07 -1.28
CA LEU A 25 6.56 -15.46 -1.19
C LEU A 25 5.36 -16.29 -0.78
N VAL A 26 5.25 -17.46 -1.40
CA VAL A 26 4.20 -18.42 -1.12
C VAL A 26 4.85 -19.80 -0.96
N LEU A 27 4.44 -20.54 0.06
CA LEU A 27 4.91 -21.91 0.26
C LEU A 27 3.83 -22.89 -0.20
N ILE A 28 4.11 -23.62 -1.28
CA ILE A 28 3.18 -24.57 -1.87
C ILE A 28 3.63 -25.98 -1.53
N ARG A 29 2.74 -26.73 -0.89
CA ARG A 29 2.94 -28.15 -0.66
C ARG A 29 2.11 -28.96 -1.65
N ILE A 30 2.76 -29.90 -2.34
CA ILE A 30 2.16 -30.70 -3.39
C ILE A 30 2.53 -32.16 -3.14
N THR A 31 1.54 -33.04 -3.17
CA THR A 31 1.99 -34.42 -3.25
C THR A 31 1.69 -34.98 -4.65
N PRO A 32 2.53 -35.89 -5.16
CA PRO A 32 2.40 -36.32 -6.55
C PRO A 32 1.21 -37.26 -6.76
N ASP A 33 0.83 -37.41 -8.01
CA ASP A 33 -0.33 -38.24 -8.35
C ASP A 33 0.13 -39.70 -8.55
N GLU A 34 -0.70 -40.50 -9.22
CA GLU A 34 -0.44 -41.94 -9.33
C GLU A 34 0.76 -42.23 -10.21
N ASP A 35 1.07 -41.34 -11.16
CA ASP A 35 2.22 -41.47 -12.04
C ASP A 35 3.48 -40.83 -11.48
N GLY A 36 3.46 -40.40 -10.21
CA GLY A 36 4.58 -39.67 -9.66
C GLY A 36 4.77 -38.28 -10.23
N LYS A 37 3.72 -37.69 -10.80
CA LYS A 37 3.80 -36.37 -11.42
C LYS A 37 3.13 -35.33 -10.53
N PHE A 38 3.66 -34.11 -10.54
CA PHE A 38 3.08 -33.02 -9.77
C PHE A 38 2.14 -32.14 -10.58
N GLY A 39 2.30 -32.09 -11.91
CA GLY A 39 1.46 -31.28 -12.75
C GLY A 39 1.96 -29.90 -13.10
N PHE A 40 3.28 -29.70 -13.14
CA PHE A 40 3.80 -28.43 -13.66
C PHE A 40 5.02 -28.66 -14.53
N ASN A 41 5.34 -27.64 -15.33
CA ASN A 41 6.52 -27.63 -16.19
C ASN A 41 7.53 -26.60 -15.66
N LEU A 42 8.80 -26.97 -15.72
CA LEU A 42 9.86 -26.10 -15.27
C LEU A 42 10.70 -25.62 -16.46
N LYS A 43 11.04 -24.33 -16.45
CA LYS A 43 12.14 -23.80 -17.25
C LYS A 43 13.19 -23.17 -16.34
N GLY A 44 14.39 -23.00 -16.86
CA GLY A 44 15.40 -22.21 -16.19
C GLY A 44 16.45 -23.06 -15.50
N GLY A 45 17.38 -22.35 -14.86
CA GLY A 45 18.46 -22.99 -14.13
C GLY A 45 19.77 -22.27 -14.38
N VAL A 46 20.84 -22.64 -13.66
CA VAL A 46 22.07 -21.86 -13.82
C VAL A 46 22.69 -22.11 -15.20
N ASP A 47 22.56 -23.33 -15.75
CA ASP A 47 23.11 -23.64 -17.06
C ASP A 47 22.34 -22.94 -18.18
N GLN A 48 21.01 -22.87 -18.09
CA GLN A 48 20.31 -21.86 -18.87
C GLN A 48 20.62 -20.49 -18.27
N LYS A 49 20.45 -19.43 -19.06
CA LYS A 49 20.79 -18.13 -18.50
C LYS A 49 19.56 -17.41 -18.01
N MET A 50 18.66 -18.15 -17.37
CA MET A 50 17.33 -17.71 -16.98
C MET A 50 17.02 -18.21 -15.57
N PRO A 51 16.20 -17.48 -14.82
CA PRO A 51 15.79 -17.98 -13.51
C PRO A 51 14.84 -19.16 -13.65
N LEU A 52 14.67 -19.85 -12.53
CA LEU A 52 13.84 -21.04 -12.42
C LEU A 52 12.38 -20.63 -12.25
N VAL A 53 11.55 -20.87 -13.28
CA VAL A 53 10.14 -20.45 -13.30
C VAL A 53 9.24 -21.58 -13.79
N VAL A 54 8.03 -21.61 -13.25
CA VAL A 54 6.99 -22.50 -13.72
C VAL A 54 6.48 -21.99 -15.05
N SER A 55 6.56 -22.84 -16.09
CA SER A 55 6.08 -22.42 -17.40
C SER A 55 4.74 -23.03 -17.79
N ARG A 56 4.18 -23.92 -16.98
CA ARG A 56 2.87 -24.48 -17.24
C ARG A 56 2.31 -25.05 -15.95
N ILE A 57 1.03 -24.80 -15.70
CA ILE A 57 0.25 -25.56 -14.72
C ILE A 57 -0.66 -26.49 -15.50
N ASN A 58 -0.58 -27.76 -15.19
CA ASN A 58 -1.44 -28.75 -15.83
C ASN A 58 -2.77 -28.77 -15.10
N PRO A 59 -3.89 -28.47 -15.78
CA PRO A 59 -5.15 -28.29 -15.05
C PRO A 59 -5.61 -29.56 -14.34
N GLU A 60 -6.16 -29.37 -13.14
CA GLU A 60 -6.72 -30.41 -12.26
C GLU A 60 -5.65 -31.28 -11.62
N SER A 61 -4.37 -31.03 -11.90
CA SER A 61 -3.27 -31.80 -11.35
C SER A 61 -3.07 -31.45 -9.88
N PRO A 62 -2.23 -32.21 -9.15
CA PRO A 62 -1.95 -31.82 -7.75
C PRO A 62 -1.45 -30.39 -7.59
N ALA A 63 -0.63 -29.88 -8.53
CA ALA A 63 -0.16 -28.50 -8.46
C ALA A 63 -1.31 -27.52 -8.57
N ASP A 64 -2.34 -27.86 -9.34
CA ASP A 64 -3.44 -26.94 -9.59
C ASP A 64 -4.50 -26.96 -8.51
N THR A 65 -4.55 -28.02 -7.70
CA THR A 65 -5.70 -28.22 -6.82
C THR A 65 -5.39 -27.96 -5.35
N CYS A 66 -4.15 -28.16 -4.90
CA CYS A 66 -3.81 -27.83 -3.52
C CYS A 66 -4.05 -26.35 -3.25
N ILE A 67 -4.04 -26.00 -1.96
CA ILE A 67 -4.32 -24.65 -1.51
C ILE A 67 -3.32 -24.28 -0.44
N PRO A 68 -2.44 -23.27 -0.67
CA PRO A 68 -2.40 -22.50 -1.92
C PRO A 68 -1.89 -23.35 -3.08
N LYS A 69 -2.12 -22.86 -4.29
CA LYS A 69 -1.79 -23.62 -5.49
C LYS A 69 -0.66 -22.92 -6.21
N LEU A 70 -0.06 -23.64 -7.13
CA LEU A 70 1.03 -23.11 -7.93
C LEU A 70 0.49 -22.46 -9.19
N ASN A 71 1.11 -21.34 -9.59
CA ASN A 71 0.71 -20.58 -10.78
C ASN A 71 1.82 -20.59 -11.82
N GLU A 72 1.44 -20.45 -13.09
CA GLU A 72 2.42 -20.19 -14.12
C GLU A 72 3.16 -18.89 -13.84
N GLY A 73 4.45 -18.87 -14.14
CA GLY A 73 5.27 -17.70 -13.93
C GLY A 73 5.82 -17.56 -12.54
N ASP A 74 5.50 -18.48 -11.64
CA ASP A 74 6.06 -18.50 -10.30
C ASP A 74 7.57 -18.77 -10.38
N GLN A 75 8.35 -17.99 -9.62
CA GLN A 75 9.80 -18.15 -9.61
C GLN A 75 10.16 -19.04 -8.45
N ILE A 76 10.82 -20.17 -8.72
CA ILE A 76 11.15 -21.10 -7.65
C ILE A 76 12.33 -20.55 -6.85
N VAL A 77 12.16 -20.47 -5.53
CA VAL A 77 13.19 -19.95 -4.60
C VAL A 77 13.82 -21.08 -3.81
N LEU A 78 13.01 -21.87 -3.11
CA LEU A 78 13.46 -23.03 -2.34
C LEU A 78 12.72 -24.28 -2.79
N ILE A 79 13.41 -25.41 -2.71
CA ILE A 79 12.85 -26.73 -2.93
C ILE A 79 13.13 -27.54 -1.68
N ASN A 80 12.08 -27.81 -0.89
CA ASN A 80 12.20 -28.49 0.40
C ASN A 80 13.23 -27.78 1.28
N GLY A 81 13.23 -26.46 1.20
CA GLY A 81 14.15 -25.64 1.96
C GLY A 81 15.51 -25.48 1.32
N ARG A 82 15.81 -26.17 0.22
CA ARG A 82 17.13 -26.05 -0.39
C ARG A 82 17.17 -24.85 -1.32
N ASP A 83 18.19 -24.00 -1.11
CA ASP A 83 18.46 -22.86 -1.99
C ASP A 83 19.00 -23.37 -3.32
N ILE A 84 18.31 -23.05 -4.44
CA ILE A 84 18.64 -23.66 -5.72
C ILE A 84 19.14 -22.65 -6.75
N SER A 85 19.36 -21.40 -6.35
CA SER A 85 19.79 -20.34 -7.28
C SER A 85 21.10 -20.64 -8.01
N GLU A 86 21.86 -21.66 -7.60
CA GLU A 86 23.10 -22.03 -8.30
C GLU A 86 23.05 -23.43 -8.87
N HIS A 87 21.88 -24.00 -9.07
CA HIS A 87 21.80 -25.35 -9.58
C HIS A 87 21.39 -25.34 -11.06
N THR A 88 21.68 -26.45 -11.74
CA THR A 88 21.32 -26.60 -13.13
C THR A 88 19.87 -27.04 -13.27
N HIS A 89 19.33 -26.87 -14.47
CA HIS A 89 18.01 -27.40 -14.77
C HIS A 89 17.90 -28.85 -14.34
N ASP A 90 18.83 -29.68 -14.79
CA ASP A 90 18.77 -31.11 -14.47
C ASP A 90 18.90 -31.37 -12.98
N GLN A 91 19.65 -30.55 -12.26
CA GLN A 91 19.76 -30.75 -10.81
C GLN A 91 18.43 -30.45 -10.13
N VAL A 92 17.83 -29.31 -10.48
CA VAL A 92 16.53 -28.94 -9.92
C VAL A 92 15.49 -30.01 -10.22
N VAL A 93 15.57 -30.62 -11.40
CA VAL A 93 14.61 -31.67 -11.75
C VAL A 93 14.82 -32.89 -10.85
N MET A 94 16.08 -33.28 -10.63
CA MET A 94 16.37 -34.40 -9.75
C MET A 94 15.98 -34.11 -8.30
N PHE A 95 16.13 -32.86 -7.85
CA PHE A 95 15.69 -32.50 -6.51
C PHE A 95 14.18 -32.66 -6.36
N ILE A 96 13.42 -32.16 -7.35
CA ILE A 96 11.98 -32.29 -7.31
C ILE A 96 11.55 -33.75 -7.36
N LYS A 97 12.20 -34.54 -8.20
CA LYS A 97 11.77 -35.94 -8.32
C LYS A 97 12.05 -36.70 -7.03
N ALA A 98 13.07 -36.28 -6.29
CA ALA A 98 13.51 -36.99 -5.08
C ALA A 98 12.60 -36.71 -3.89
N SER A 99 11.91 -35.58 -3.88
CA SER A 99 10.96 -35.30 -2.80
C SER A 99 9.85 -36.33 -2.76
N ARG A 100 9.62 -37.03 -3.88
CA ARG A 100 8.54 -38.01 -3.98
C ARG A 100 8.73 -39.15 -3.00
N GLU A 101 9.78 -39.95 -3.17
CA GLU A 101 10.08 -41.01 -2.22
C GLU A 101 10.93 -40.45 -1.09
N SER A 102 10.33 -39.54 -0.32
CA SER A 102 11.01 -38.88 0.78
C SER A 102 10.28 -39.11 2.10
N HIS A 103 10.54 -38.26 3.10
CA HIS A 103 10.00 -38.48 4.44
C HIS A 103 8.48 -38.43 4.44
N SER A 104 7.89 -37.35 3.93
CA SER A 104 6.45 -37.17 3.92
C SER A 104 5.84 -37.33 2.53
N ARG A 105 6.61 -37.80 1.55
CA ARG A 105 6.16 -37.98 0.17
C ARG A 105 5.81 -36.65 -0.50
N GLU A 106 5.95 -35.54 0.23
CA GLU A 106 5.44 -34.24 -0.17
C GLU A 106 6.56 -33.32 -0.68
N LEU A 107 6.23 -32.51 -1.69
CA LEU A 107 7.13 -31.51 -2.25
C LEU A 107 6.75 -30.14 -1.68
N ALA A 108 7.69 -29.46 -1.03
CA ALA A 108 7.48 -28.12 -0.50
C ALA A 108 8.23 -27.13 -1.38
N LEU A 109 7.51 -26.21 -2.01
CA LEU A 109 8.12 -25.20 -2.86
C LEU A 109 7.91 -23.83 -2.25
N VAL A 110 8.98 -23.04 -2.20
CA VAL A 110 8.87 -21.63 -1.87
C VAL A 110 9.10 -20.88 -3.18
N ILE A 111 8.13 -20.06 -3.56
CA ILE A 111 8.15 -19.40 -4.85
C ILE A 111 7.99 -17.91 -4.63
N ARG A 112 8.48 -17.11 -5.57
CA ARG A 112 8.24 -15.69 -5.54
C ARG A 112 7.24 -15.36 -6.63
N ARG A 113 6.22 -14.59 -6.27
CA ARG A 113 5.09 -14.29 -7.13
C ARG A 113 5.02 -12.78 -7.30
N ARG A 114 4.92 -12.32 -8.55
CA ARG A 114 4.77 -10.90 -8.81
C ARG A 114 3.32 -10.51 -8.57
N GLY B 21 -3.64 6.33 -8.23
CA GLY B 21 -2.56 5.78 -7.43
C GLY B 21 -1.19 6.22 -7.91
N ASP B 22 -1.01 6.15 -9.23
CA ASP B 22 0.19 6.68 -9.88
C ASP B 22 0.42 8.13 -9.49
N SER B 23 -0.58 8.96 -9.71
CA SER B 23 -0.51 10.39 -9.52
C SER B 23 -1.37 10.81 -8.33
N TYR B 24 -1.13 12.03 -7.87
CA TYR B 24 -1.89 12.63 -6.78
C TYR B 24 -2.01 14.12 -7.02
N LEU B 25 -3.05 14.69 -6.43
CA LEU B 25 -3.32 16.11 -6.50
C LEU B 25 -2.74 16.79 -5.27
N VAL B 26 -2.22 18.00 -5.46
CA VAL B 26 -1.69 18.82 -4.38
C VAL B 26 -2.29 20.21 -4.52
N LEU B 27 -2.74 20.79 -3.39
CA LEU B 27 -3.19 22.18 -3.35
C LEU B 27 -2.07 23.10 -2.84
N ILE B 28 -1.47 23.85 -3.76
CA ILE B 28 -0.43 24.82 -3.44
C ILE B 28 -1.06 26.21 -3.36
N ARG B 29 -0.83 26.91 -2.26
CA ARG B 29 -1.33 28.24 -2.01
C ARG B 29 -0.16 29.21 -2.04
N ILE B 30 -0.25 30.29 -2.82
CA ILE B 30 0.89 31.15 -3.13
C ILE B 30 0.49 32.62 -3.10
N THR B 31 1.16 33.39 -2.30
CA THR B 31 1.01 34.85 -2.28
C THR B 31 2.09 35.49 -3.13
N PRO B 32 1.76 36.45 -4.00
CA PRO B 32 2.80 37.09 -4.84
C PRO B 32 3.71 37.98 -4.01
N ASP B 33 4.81 38.38 -4.62
CA ASP B 33 5.80 39.19 -3.91
C ASP B 33 5.56 40.68 -4.19
N GLU B 34 6.55 41.52 -3.87
CA GLU B 34 6.39 42.96 -4.02
C GLU B 34 6.21 43.39 -5.47
N ASP B 35 6.62 42.54 -6.41
CA ASP B 35 6.47 42.83 -7.84
C ASP B 35 5.28 42.11 -8.48
N GLY B 36 4.48 41.39 -7.69
CA GLY B 36 3.35 40.68 -8.25
C GLY B 36 3.75 39.46 -9.06
N LYS B 37 4.92 38.88 -8.78
CA LYS B 37 5.35 37.64 -9.40
C LYS B 37 5.24 36.50 -8.40
N PHE B 38 4.88 35.32 -8.90
CA PHE B 38 4.83 34.12 -8.06
C PHE B 38 6.13 33.34 -8.06
N GLY B 39 6.97 33.52 -9.09
CA GLY B 39 8.24 32.83 -9.17
C GLY B 39 8.20 31.47 -9.83
N PHE B 40 7.31 31.27 -10.81
CA PHE B 40 7.40 30.08 -11.62
C PHE B 40 7.14 30.44 -13.08
N ASN B 41 7.61 29.58 -13.98
CA ASN B 41 7.35 29.70 -15.40
C ASN B 41 6.31 28.66 -15.83
N LEU B 42 5.49 29.03 -16.82
CA LEU B 42 4.44 28.15 -17.33
C LEU B 42 4.62 27.85 -18.81
N LYS B 43 4.51 26.57 -19.17
CA LYS B 43 4.35 26.14 -20.55
C LYS B 43 2.96 25.54 -20.76
N GLY B 44 2.52 25.47 -22.03
CA GLY B 44 1.34 24.70 -22.39
C GLY B 44 0.09 25.52 -22.63
N GLY B 45 -1.01 24.80 -22.84
CA GLY B 45 -2.30 25.36 -23.21
C GLY B 45 -2.92 24.62 -24.39
N VAL B 46 -4.21 24.90 -24.60
CA VAL B 46 -4.87 24.20 -25.71
C VAL B 46 -4.30 24.65 -27.05
N ASP B 47 -3.92 25.94 -27.15
CA ASP B 47 -3.32 26.44 -28.39
C ASP B 47 -1.95 25.84 -28.62
N GLN B 48 -1.21 25.58 -27.54
CA GLN B 48 0.10 24.96 -27.62
C GLN B 48 0.01 23.46 -27.87
N LYS B 49 -1.19 22.88 -27.82
CA LYS B 49 -1.39 21.42 -27.92
C LYS B 49 -0.42 20.67 -27.03
N MET B 50 -0.37 21.10 -25.77
CA MET B 50 0.53 20.57 -24.74
C MET B 50 -0.16 20.76 -23.41
N PRO B 51 -0.04 19.81 -22.48
CA PRO B 51 -0.62 20.01 -21.15
C PRO B 51 0.04 21.20 -20.46
N LEU B 52 -0.69 21.79 -19.51
CA LEU B 52 -0.22 22.96 -18.78
C LEU B 52 0.75 22.54 -17.69
N VAL B 53 1.99 23.00 -17.77
CA VAL B 53 3.05 22.44 -16.93
C VAL B 53 3.95 23.54 -16.39
N VAL B 54 4.34 23.42 -15.12
CA VAL B 54 5.31 24.31 -14.52
C VAL B 54 6.70 23.98 -15.09
N SER B 55 7.27 24.93 -15.82
CA SER B 55 8.54 24.68 -16.47
C SER B 55 9.74 25.18 -15.67
N ARG B 56 9.53 25.92 -14.58
CA ARG B 56 10.63 26.48 -13.81
C ARG B 56 10.11 26.97 -12.48
N ILE B 57 10.90 26.73 -11.43
CA ILE B 57 10.72 27.36 -10.14
C ILE B 57 11.91 28.29 -9.90
N ASN B 58 11.62 29.56 -9.74
CA ASN B 58 12.62 30.53 -9.32
C ASN B 58 12.99 30.21 -7.89
N PRO B 59 14.26 29.88 -7.57
CA PRO B 59 14.63 29.55 -6.18
C PRO B 59 14.38 30.72 -5.27
N GLU B 60 13.82 30.43 -4.08
CA GLU B 60 13.55 31.40 -2.99
C GLU B 60 12.33 32.26 -3.25
N SER B 61 11.70 32.14 -4.42
CA SER B 61 10.50 32.88 -4.73
C SER B 61 9.33 32.36 -3.90
N PRO B 62 8.18 33.05 -3.92
CA PRO B 62 7.00 32.54 -3.18
C PRO B 62 6.56 31.13 -3.57
N ALA B 63 6.61 30.80 -4.87
CA ALA B 63 6.33 29.45 -5.34
C ALA B 63 7.23 28.40 -4.70
N ASP B 64 8.42 28.80 -4.25
CA ASP B 64 9.44 27.88 -3.77
C ASP B 64 9.43 27.75 -2.24
N THR B 65 8.96 28.77 -1.52
CA THR B 65 9.04 28.79 -0.06
C THR B 65 7.73 28.43 0.66
N CYS B 66 6.61 28.30 -0.06
CA CYS B 66 5.37 27.91 0.58
C CYS B 66 5.36 26.41 0.89
N ILE B 67 4.47 26.01 1.79
CA ILE B 67 4.43 24.61 2.22
C ILE B 67 3.00 24.09 2.16
N PRO B 68 2.69 23.14 1.26
CA PRO B 68 3.57 22.49 0.28
C PRO B 68 4.01 23.41 -0.86
N LYS B 69 5.11 23.09 -1.51
CA LYS B 69 5.67 23.96 -2.53
C LYS B 69 5.31 23.48 -3.92
N LEU B 70 5.55 24.35 -4.90
CA LEU B 70 5.35 24.04 -6.31
C LEU B 70 6.66 23.50 -6.90
N ASN B 71 6.58 22.39 -7.64
CA ASN B 71 7.73 21.72 -8.25
C ASN B 71 7.71 21.89 -9.77
N GLU B 72 8.90 21.84 -10.37
CA GLU B 72 9.02 21.77 -11.82
C GLU B 72 8.36 20.49 -12.34
N GLY B 73 7.57 20.61 -13.41
CA GLY B 73 6.86 19.46 -13.94
C GLY B 73 5.48 19.23 -13.37
N ASP B 74 5.09 19.95 -12.31
CA ASP B 74 3.71 19.92 -11.84
C ASP B 74 2.75 20.29 -12.97
N GLN B 75 1.74 19.46 -13.18
CA GLN B 75 0.71 19.73 -14.19
C GLN B 75 -0.43 20.51 -13.55
N ILE B 76 -0.74 21.69 -14.09
CA ILE B 76 -1.83 22.49 -13.55
C ILE B 76 -3.17 21.84 -13.92
N VAL B 77 -4.05 21.69 -12.92
CA VAL B 77 -5.41 21.18 -13.10
C VAL B 77 -6.45 22.27 -12.91
N LEU B 78 -6.43 22.93 -11.74
CA LEU B 78 -7.33 24.03 -11.41
C LEU B 78 -6.54 25.29 -11.07
N ILE B 79 -7.09 26.44 -11.43
CA ILE B 79 -6.59 27.73 -11.02
C ILE B 79 -7.67 28.43 -10.24
N ASN B 80 -7.48 28.55 -8.92
CA ASN B 80 -8.50 29.06 -8.00
C ASN B 80 -9.86 28.41 -8.29
N GLY B 81 -9.85 27.09 -8.44
CA GLY B 81 -11.07 26.33 -8.57
C GLY B 81 -11.50 26.10 -10.00
N ARG B 82 -11.00 26.89 -10.94
CA ARG B 82 -11.44 26.82 -12.32
C ARG B 82 -10.67 25.73 -13.07
N ASP B 83 -11.41 24.89 -13.77
CA ASP B 83 -10.84 23.85 -14.61
C ASP B 83 -10.32 24.48 -15.88
N ILE B 84 -9.01 24.39 -16.12
CA ILE B 84 -8.39 25.14 -17.20
C ILE B 84 -8.03 24.26 -18.39
N SER B 85 -8.47 23.00 -18.40
CA SER B 85 -8.07 22.09 -19.47
C SER B 85 -8.54 22.52 -20.86
N GLU B 86 -9.44 23.50 -20.96
CA GLU B 86 -9.96 23.97 -22.24
C GLU B 86 -9.40 25.33 -22.63
N HIS B 87 -8.39 25.83 -21.93
CA HIS B 87 -7.98 27.22 -22.04
C HIS B 87 -6.62 27.35 -22.71
N THR B 88 -6.40 28.52 -23.31
CA THR B 88 -5.16 28.77 -24.02
C THR B 88 -4.09 29.22 -23.03
N HIS B 89 -2.84 29.16 -23.50
CA HIS B 89 -1.73 29.67 -22.69
C HIS B 89 -2.02 31.08 -22.21
N ASP B 90 -2.43 31.96 -23.12
CA ASP B 90 -2.64 33.35 -22.74
C ASP B 90 -3.77 33.49 -21.73
N GLN B 91 -4.80 32.63 -21.82
CA GLN B 91 -5.91 32.69 -20.86
C GLN B 91 -5.46 32.25 -19.47
N VAL B 92 -4.84 31.07 -19.38
CA VAL B 92 -4.25 30.62 -18.12
C VAL B 92 -3.38 31.73 -17.52
N VAL B 93 -2.54 32.36 -18.33
CA VAL B 93 -1.67 33.42 -17.85
C VAL B 93 -2.50 34.55 -17.24
N MET B 94 -3.67 34.82 -17.83
CA MET B 94 -4.49 35.93 -17.36
C MET B 94 -5.28 35.55 -16.11
N PHE B 95 -5.70 34.28 -15.99
CA PHE B 95 -6.32 33.82 -14.74
C PHE B 95 -5.33 33.86 -13.58
N ILE B 96 -4.09 33.43 -13.82
CA ILE B 96 -3.09 33.48 -12.75
C ILE B 96 -2.88 34.93 -12.32
N LYS B 97 -2.63 35.83 -13.27
CA LYS B 97 -2.39 37.21 -12.87
C LYS B 97 -3.61 37.79 -12.17
N ALA B 98 -4.82 37.33 -12.52
CA ALA B 98 -6.06 37.84 -11.95
C ALA B 98 -6.23 37.46 -10.49
N SER B 99 -5.67 36.31 -10.07
CA SER B 99 -5.74 35.93 -8.67
C SER B 99 -5.03 36.92 -7.76
N ARG B 100 -4.14 37.75 -8.31
CA ARG B 100 -3.42 38.71 -7.49
C ARG B 100 -4.35 39.75 -6.88
N GLU B 101 -5.43 40.08 -7.57
CA GLU B 101 -6.40 41.04 -7.06
C GLU B 101 -7.62 40.37 -6.44
N SER B 102 -7.65 39.04 -6.39
CA SER B 102 -8.79 38.28 -5.87
C SER B 102 -9.10 38.63 -4.42
N HIS B 103 -10.17 38.01 -3.89
CA HIS B 103 -10.62 38.22 -2.52
C HIS B 103 -9.47 38.10 -1.54
N SER B 104 -8.92 36.89 -1.42
CA SER B 104 -7.86 36.58 -0.46
C SER B 104 -6.50 37.11 -0.88
N ARG B 105 -6.37 37.68 -2.08
CA ARG B 105 -5.12 38.18 -2.66
C ARG B 105 -4.15 37.03 -2.97
N GLU B 106 -4.61 35.77 -2.95
CA GLU B 106 -3.77 34.58 -2.98
C GLU B 106 -4.14 33.67 -4.16
N LEU B 107 -3.13 32.93 -4.65
CA LEU B 107 -3.29 31.96 -5.73
C LEU B 107 -3.36 30.55 -5.16
N ALA B 108 -4.42 29.81 -5.54
CA ALA B 108 -4.57 28.40 -5.18
C ALA B 108 -4.48 27.57 -6.45
N LEU B 109 -3.43 26.75 -6.56
CA LEU B 109 -3.26 25.86 -7.69
C LEU B 109 -3.52 24.44 -7.23
N VAL B 110 -4.28 23.70 -8.03
CA VAL B 110 -4.40 22.26 -7.87
C VAL B 110 -3.54 21.65 -8.97
N ILE B 111 -2.52 20.92 -8.58
CA ILE B 111 -1.60 20.36 -9.55
C ILE B 111 -1.61 18.86 -9.38
N ARG B 112 -1.20 18.17 -10.44
CA ARG B 112 -1.04 16.71 -10.42
C ARG B 112 0.43 16.37 -10.44
N ARG B 113 0.84 15.45 -9.56
CA ARG B 113 2.21 15.01 -9.47
C ARG B 113 2.29 13.51 -9.71
N ARG B 114 3.23 13.09 -10.54
CA ARG B 114 3.37 11.68 -10.88
C ARG B 114 4.64 11.08 -10.26
N SER C 23 -15.70 -20.37 9.77
CA SER C 23 -16.04 -21.77 9.97
C SER C 23 -15.31 -22.69 8.97
N TYR C 24 -15.30 -22.31 7.68
CA TYR C 24 -14.59 -23.11 6.69
C TYR C 24 -14.11 -22.22 5.54
N LEU C 25 -13.16 -22.75 4.78
CA LEU C 25 -12.46 -22.00 3.75
C LEU C 25 -12.78 -22.55 2.37
N VAL C 26 -13.02 -21.64 1.41
CA VAL C 26 -13.33 -22.00 0.02
C VAL C 26 -12.37 -21.27 -0.93
N LEU C 27 -11.87 -21.98 -1.93
CA LEU C 27 -11.16 -21.36 -3.04
C LEU C 27 -12.13 -21.02 -4.18
N ILE C 28 -12.18 -19.74 -4.55
CA ILE C 28 -12.97 -19.24 -5.69
C ILE C 28 -12.01 -18.81 -6.79
N ARG C 29 -12.29 -19.24 -8.01
CA ARG C 29 -11.47 -18.90 -9.18
C ARG C 29 -12.37 -18.24 -10.23
N ILE C 30 -12.08 -16.99 -10.56
CA ILE C 30 -12.97 -16.10 -11.31
C ILE C 30 -12.20 -15.49 -12.48
N THR C 31 -12.53 -15.90 -13.68
CA THR C 31 -12.10 -15.24 -14.91
C THR C 31 -13.04 -14.06 -15.19
N PRO C 32 -12.49 -12.89 -15.55
CA PRO C 32 -13.36 -11.72 -15.71
C PRO C 32 -14.02 -11.70 -17.08
N ASP C 33 -15.08 -10.92 -17.19
CA ASP C 33 -15.76 -10.76 -18.47
C ASP C 33 -14.93 -9.83 -19.36
N GLU C 34 -15.50 -9.46 -20.51
CA GLU C 34 -14.77 -8.70 -21.52
C GLU C 34 -14.76 -7.20 -21.25
N ASP C 35 -15.32 -6.77 -20.13
CA ASP C 35 -15.08 -5.42 -19.61
C ASP C 35 -14.09 -5.43 -18.44
N GLY C 36 -13.40 -6.55 -18.22
CA GLY C 36 -12.50 -6.65 -17.09
C GLY C 36 -13.19 -6.56 -15.75
N LYS C 37 -14.42 -7.05 -15.65
CA LYS C 37 -15.23 -6.97 -14.43
C LYS C 37 -15.44 -8.38 -13.87
N PHE C 38 -15.37 -8.50 -12.54
CA PHE C 38 -15.50 -9.80 -11.89
C PHE C 38 -16.91 -10.07 -11.39
N GLY C 39 -17.57 -9.06 -10.84
CA GLY C 39 -18.98 -9.19 -10.52
C GLY C 39 -19.30 -9.04 -9.05
N PHE C 40 -18.38 -8.47 -8.28
CA PHE C 40 -18.61 -8.30 -6.86
C PHE C 40 -18.11 -6.93 -6.42
N ASN C 41 -18.58 -6.53 -5.25
CA ASN C 41 -18.09 -5.32 -4.58
C ASN C 41 -17.34 -5.71 -3.32
N LEU C 42 -16.33 -4.93 -2.99
CA LEU C 42 -15.50 -5.14 -1.83
C LEU C 42 -15.67 -3.99 -0.85
N LYS C 43 -15.76 -4.33 0.43
CA LYS C 43 -15.64 -3.39 1.53
C LYS C 43 -14.47 -3.82 2.41
N GLY C 44 -13.85 -2.85 3.07
CA GLY C 44 -12.90 -3.15 4.13
C GLY C 44 -11.45 -2.91 3.71
N GLY C 45 -10.55 -3.32 4.59
CA GLY C 45 -9.13 -3.02 4.43
C GLY C 45 -8.52 -2.52 5.72
N VAL C 46 -7.19 -2.55 5.81
CA VAL C 46 -6.58 -2.19 7.09
C VAL C 46 -6.78 -0.70 7.40
N ASP C 47 -6.81 0.14 6.37
CA ASP C 47 -7.07 1.57 6.56
C ASP C 47 -8.51 1.84 6.94
N GLN C 48 -9.43 0.98 6.53
CA GLN C 48 -10.86 1.12 6.82
C GLN C 48 -11.24 0.45 8.12
N LYS C 49 -10.33 -0.34 8.68
CA LYS C 49 -10.47 -0.94 10.00
C LYS C 49 -11.70 -1.84 10.08
N MET C 50 -11.86 -2.66 9.03
CA MET C 50 -12.85 -3.73 8.92
C MET C 50 -12.25 -4.76 7.96
N PRO C 51 -12.40 -6.06 8.24
CA PRO C 51 -11.83 -7.07 7.33
C PRO C 51 -12.44 -6.95 5.93
N LEU C 52 -11.69 -7.47 4.97
CA LEU C 52 -12.12 -7.58 3.59
C LEU C 52 -13.34 -8.49 3.47
N VAL C 53 -14.51 -7.94 3.11
CA VAL C 53 -15.73 -8.74 2.94
C VAL C 53 -16.37 -8.39 1.61
N VAL C 54 -16.98 -9.40 0.99
CA VAL C 54 -17.73 -9.20 -0.25
C VAL C 54 -19.07 -8.58 0.09
N SER C 55 -19.32 -7.38 -0.42
CA SER C 55 -20.54 -6.67 -0.04
C SER C 55 -21.68 -6.86 -1.02
N ARG C 56 -21.40 -7.28 -2.26
CA ARG C 56 -22.44 -7.45 -3.27
C ARG C 56 -21.92 -8.45 -4.29
N ILE C 57 -22.84 -9.26 -4.82
CA ILE C 57 -22.59 -10.12 -5.97
C ILE C 57 -23.51 -9.65 -7.08
N ASN C 58 -22.93 -9.30 -8.22
CA ASN C 58 -23.69 -8.86 -9.37
C ASN C 58 -24.33 -10.06 -10.07
N PRO C 59 -25.67 -10.17 -10.07
CA PRO C 59 -26.33 -11.38 -10.60
C PRO C 59 -25.89 -11.75 -12.01
N GLU C 60 -25.53 -13.02 -12.18
CA GLU C 60 -25.13 -13.62 -13.46
C GLU C 60 -23.80 -13.09 -13.98
N SER C 61 -22.99 -12.50 -13.12
CA SER C 61 -21.63 -12.10 -13.44
C SER C 61 -20.67 -13.27 -13.23
N PRO C 62 -19.41 -13.15 -13.68
CA PRO C 62 -18.41 -14.21 -13.39
C PRO C 62 -18.37 -14.67 -11.94
N ALA C 63 -18.45 -13.74 -10.98
CA ALA C 63 -18.40 -14.10 -9.56
C ALA C 63 -19.61 -14.90 -9.12
N ASP C 64 -20.73 -14.77 -9.83
CA ASP C 64 -21.98 -15.46 -9.55
C ASP C 64 -22.09 -16.81 -10.26
N THR C 65 -21.36 -17.00 -11.36
CA THR C 65 -21.55 -18.17 -12.21
C THR C 65 -20.43 -19.19 -12.15
N CYS C 66 -19.34 -18.94 -11.42
CA CYS C 66 -18.28 -19.93 -11.30
C CYS C 66 -18.62 -20.96 -10.23
N ILE C 67 -17.93 -22.09 -10.27
CA ILE C 67 -18.18 -23.16 -9.31
C ILE C 67 -16.90 -23.54 -8.59
N PRO C 68 -16.77 -23.31 -7.26
CA PRO C 68 -17.77 -22.64 -6.42
C PRO C 68 -17.91 -21.14 -6.72
N LYS C 69 -19.02 -20.55 -6.29
CA LYS C 69 -19.28 -19.14 -6.56
C LYS C 69 -18.90 -18.26 -5.37
N LEU C 70 -18.67 -16.98 -5.65
CA LEU C 70 -18.47 -16.00 -4.60
C LEU C 70 -19.83 -15.64 -4.01
N ASN C 71 -19.84 -15.39 -2.69
CA ASN C 71 -21.06 -15.09 -1.96
C ASN C 71 -20.94 -13.76 -1.25
N GLU C 72 -22.07 -13.07 -1.08
CA GLU C 72 -22.11 -11.92 -0.19
C GLU C 72 -21.74 -12.34 1.22
N GLY C 73 -20.97 -11.48 1.91
CA GLY C 73 -20.50 -11.79 3.24
C GLY C 73 -19.26 -12.66 3.30
N ASP C 74 -18.75 -13.13 2.18
CA ASP C 74 -17.50 -13.90 2.17
C ASP C 74 -16.33 -13.03 2.60
N GLN C 75 -15.54 -13.51 3.56
CA GLN C 75 -14.38 -12.76 4.00
C GLN C 75 -13.14 -13.19 3.23
N ILE C 76 -12.50 -12.24 2.53
CA ILE C 76 -11.30 -12.51 1.75
C ILE C 76 -10.12 -12.80 2.67
N VAL C 77 -9.46 -13.95 2.46
CA VAL C 77 -8.30 -14.35 3.25
C VAL C 77 -7.01 -14.23 2.44
N LEU C 78 -6.97 -14.85 1.27
CA LEU C 78 -5.87 -14.69 0.33
C LEU C 78 -6.39 -14.14 -0.99
N ILE C 79 -5.52 -13.43 -1.69
CA ILE C 79 -5.80 -12.98 -3.04
C ILE C 79 -4.64 -13.45 -3.88
N ASN C 80 -4.89 -14.38 -4.78
CA ASN C 80 -3.85 -14.91 -5.62
C ASN C 80 -2.69 -15.45 -4.78
N GLY C 81 -3.02 -15.95 -3.58
CA GLY C 81 -2.05 -16.53 -2.69
C GLY C 81 -1.47 -15.57 -1.67
N ARG C 82 -1.71 -14.28 -1.83
CA ARG C 82 -1.14 -13.25 -0.97
C ARG C 82 -2.02 -13.02 0.25
N ASP C 83 -1.41 -13.06 1.43
CA ASP C 83 -2.13 -12.71 2.66
C ASP C 83 -2.42 -11.21 2.65
N ILE C 84 -3.71 -10.85 2.65
CA ILE C 84 -4.10 -9.44 2.54
C ILE C 84 -4.50 -8.86 3.89
N SER C 85 -4.18 -9.57 4.97
CA SER C 85 -4.52 -9.13 6.33
C SER C 85 -4.17 -7.67 6.59
N GLU C 86 -3.02 -7.21 6.09
CA GLU C 86 -2.51 -5.90 6.49
C GLU C 86 -2.37 -4.95 5.29
N HIS C 87 -3.24 -5.08 4.28
CA HIS C 87 -3.22 -4.19 3.13
C HIS C 87 -4.42 -3.27 3.11
N THR C 88 -4.27 -2.14 2.42
CA THR C 88 -5.35 -1.16 2.41
C THR C 88 -6.43 -1.56 1.43
N HIS C 89 -7.55 -0.85 1.51
CA HIS C 89 -8.60 -1.03 0.51
C HIS C 89 -8.05 -0.83 -0.90
N ASP C 90 -7.36 0.29 -1.13
CA ASP C 90 -6.83 0.58 -2.46
C ASP C 90 -5.82 -0.46 -2.92
N GLN C 91 -5.09 -1.09 -2.00
CA GLN C 91 -4.10 -2.09 -2.39
C GLN C 91 -4.78 -3.36 -2.88
N VAL C 92 -5.71 -3.90 -2.08
CA VAL C 92 -6.38 -5.14 -2.45
C VAL C 92 -7.15 -4.95 -3.75
N VAL C 93 -7.72 -3.75 -3.97
CA VAL C 93 -8.39 -3.47 -5.24
C VAL C 93 -7.41 -3.57 -6.40
N MET C 94 -6.23 -2.96 -6.25
CA MET C 94 -5.18 -3.07 -7.26
C MET C 94 -4.75 -4.52 -7.45
N PHE C 95 -4.65 -5.28 -6.36
CA PHE C 95 -4.27 -6.68 -6.46
C PHE C 95 -5.30 -7.47 -7.27
N ILE C 96 -6.59 -7.22 -7.02
CA ILE C 96 -7.63 -7.94 -7.75
C ILE C 96 -7.55 -7.62 -9.24
N LYS C 97 -7.34 -6.34 -9.58
CA LYS C 97 -7.31 -5.96 -10.99
C LYS C 97 -6.06 -6.48 -11.69
N ALA C 98 -4.96 -6.68 -10.95
CA ALA C 98 -3.74 -7.25 -11.54
C ALA C 98 -4.01 -8.63 -12.14
N SER C 99 -4.96 -9.38 -11.57
CA SER C 99 -5.25 -10.75 -12.02
C SER C 99 -5.58 -10.82 -13.50
N ARG C 100 -6.11 -9.73 -14.07
CA ARG C 100 -6.45 -9.74 -15.49
C ARG C 100 -5.21 -9.75 -16.38
N GLU C 101 -4.08 -9.22 -15.90
CA GLU C 101 -2.86 -9.22 -16.68
C GLU C 101 -2.03 -10.48 -16.51
N SER C 102 -2.42 -11.37 -15.59
CA SER C 102 -1.66 -12.58 -15.30
C SER C 102 -1.73 -13.56 -16.48
N HIS C 103 -0.86 -14.57 -16.43
CA HIS C 103 -0.77 -15.54 -17.50
C HIS C 103 -2.09 -16.27 -17.71
N SER C 104 -2.78 -16.57 -16.62
CA SER C 104 -4.05 -17.28 -16.65
C SER C 104 -5.25 -16.35 -16.72
N ARG C 105 -5.05 -15.03 -16.55
CA ARG C 105 -6.13 -14.06 -16.43
C ARG C 105 -7.21 -14.56 -15.49
N GLU C 106 -6.79 -15.11 -14.34
CA GLU C 106 -7.68 -15.73 -13.38
C GLU C 106 -7.40 -15.22 -11.98
N LEU C 107 -8.42 -14.71 -11.32
CA LEU C 107 -8.32 -14.29 -9.93
C LEU C 107 -8.71 -15.45 -9.03
N ALA C 108 -7.91 -15.71 -8.00
CA ALA C 108 -8.13 -16.83 -7.10
C ALA C 108 -8.26 -16.29 -5.68
N LEU C 109 -9.48 -16.23 -5.18
CA LEU C 109 -9.74 -15.80 -3.81
C LEU C 109 -9.88 -17.01 -2.90
N VAL C 110 -9.26 -16.93 -1.73
CA VAL C 110 -9.55 -17.84 -0.64
C VAL C 110 -10.40 -17.07 0.35
N ILE C 111 -11.62 -17.54 0.58
CA ILE C 111 -12.56 -16.82 1.41
C ILE C 111 -12.94 -17.68 2.59
N ARG C 112 -13.32 -17.05 3.69
CA ARG C 112 -13.91 -17.72 4.84
C ARG C 112 -15.40 -17.46 4.86
N ARG C 113 -16.16 -18.52 5.12
CA ARG C 113 -17.61 -18.53 4.99
C ARG C 113 -18.22 -19.07 6.27
N ASP D 22 1.07 22.76 20.49
CA ASP D 22 2.28 23.37 19.95
C ASP D 22 3.21 22.34 19.26
N SER D 23 3.41 22.57 17.97
CA SER D 23 4.26 21.79 17.08
C SER D 23 4.45 22.64 15.84
N TYR D 24 5.24 22.14 14.88
CA TYR D 24 5.49 22.96 13.70
C TYR D 24 5.91 22.08 12.53
N LEU D 25 5.59 22.57 11.33
CA LEU D 25 5.89 21.88 10.08
C LEU D 25 7.24 22.37 9.54
N VAL D 26 8.07 21.44 9.09
CA VAL D 26 9.34 21.77 8.45
C VAL D 26 9.38 21.09 7.09
N LEU D 27 9.82 21.81 6.06
CA LEU D 27 10.03 21.23 4.74
C LEU D 27 11.52 20.93 4.57
N ILE D 28 11.86 19.65 4.62
CA ILE D 28 13.22 19.15 4.49
C ILE D 28 13.40 18.60 3.08
N ARG D 29 14.33 19.17 2.33
CA ARG D 29 14.67 18.64 1.02
C ARG D 29 16.00 17.91 1.11
N ILE D 30 16.07 16.74 0.48
CA ILE D 30 17.21 15.84 0.60
C ILE D 30 17.51 15.24 -0.75
N THR D 31 18.79 15.20 -1.12
CA THR D 31 19.21 14.40 -2.26
C THR D 31 19.93 13.15 -1.76
N PRO D 32 19.76 12.02 -2.42
CA PRO D 32 20.42 10.79 -1.98
C PRO D 32 21.91 10.83 -2.28
N ASP D 33 22.66 9.99 -1.55
CA ASP D 33 24.10 9.93 -1.70
C ASP D 33 24.45 8.97 -2.84
N GLU D 34 25.71 8.50 -2.89
CA GLU D 34 26.17 7.67 -4.00
C GLU D 34 25.37 6.38 -4.10
N ASP D 35 24.95 5.81 -2.96
CA ASP D 35 24.21 4.56 -2.93
C ASP D 35 22.70 4.77 -2.94
N GLY D 36 22.23 5.96 -3.30
CA GLY D 36 20.80 6.24 -3.25
C GLY D 36 20.21 6.10 -1.86
N LYS D 37 20.96 6.50 -0.84
CA LYS D 37 20.49 6.46 0.53
C LYS D 37 20.38 7.88 1.06
N PHE D 38 19.30 8.14 1.79
CA PHE D 38 19.08 9.46 2.37
C PHE D 38 19.64 9.58 3.78
N GLY D 39 19.77 8.46 4.49
CA GLY D 39 20.35 8.49 5.82
C GLY D 39 19.39 8.59 6.96
N PHE D 40 18.15 8.16 6.79
CA PHE D 40 17.28 8.07 7.95
C PHE D 40 16.63 6.70 8.01
N ASN D 41 16.06 6.39 9.18
CA ASN D 41 15.24 5.22 9.39
C ASN D 41 13.78 5.64 9.59
N LEU D 42 12.87 4.76 9.16
CA LEU D 42 11.44 5.00 9.33
C LEU D 42 10.80 3.88 10.13
N LYS D 43 9.93 4.24 11.08
CA LYS D 43 8.99 3.31 11.72
C LYS D 43 7.54 3.75 11.42
N GLY D 44 6.59 2.84 11.63
CA GLY D 44 5.17 3.20 11.60
C GLY D 44 4.49 3.05 10.23
N GLY D 45 3.23 3.48 10.23
CA GLY D 45 2.32 3.31 9.11
C GLY D 45 0.99 2.73 9.57
N VAL D 46 -0.02 2.82 8.69
CA VAL D 46 -1.35 2.41 9.16
C VAL D 46 -1.38 0.92 9.48
N ASP D 47 -0.61 0.11 8.75
CA ASP D 47 -0.53 -1.32 9.04
C ASP D 47 0.22 -1.60 10.35
N GLN D 48 1.14 -0.72 10.74
CA GLN D 48 1.82 -0.83 12.03
C GLN D 48 1.01 -0.25 13.17
N LYS D 49 -0.07 0.48 12.86
CA LYS D 49 -0.92 1.15 13.84
C LYS D 49 -0.11 2.05 14.76
N MET D 50 1.01 2.58 14.25
CA MET D 50 1.80 3.65 14.81
C MET D 50 1.91 4.74 13.77
N PRO D 51 1.99 6.00 14.19
CA PRO D 51 2.26 7.06 13.22
C PRO D 51 3.65 6.91 12.62
N LEU D 52 3.85 7.57 11.49
CA LEU D 52 5.01 7.38 10.64
C LEU D 52 6.10 8.36 11.07
N VAL D 53 7.12 7.85 11.76
CA VAL D 53 8.08 8.68 12.47
C VAL D 53 9.52 8.27 12.11
N VAL D 54 10.41 9.26 12.01
CA VAL D 54 11.84 9.01 11.77
C VAL D 54 12.47 8.45 13.04
N SER D 55 12.96 7.23 12.96
CA SER D 55 13.49 6.56 14.13
C SER D 55 15.00 6.66 14.26
N ARG D 56 15.70 7.14 13.23
CA ARG D 56 17.15 7.25 13.30
C ARG D 56 17.65 8.25 12.25
N ILE D 57 18.52 9.16 12.68
CA ILE D 57 19.28 10.02 11.76
C ILE D 57 20.71 9.48 11.71
N ASN D 58 21.15 9.11 10.52
CA ASN D 58 22.51 8.64 10.35
C ASN D 58 23.45 9.83 10.35
N PRO D 59 24.41 9.91 11.29
CA PRO D 59 25.32 11.07 11.33
C PRO D 59 26.01 11.33 10.00
N GLU D 60 26.00 12.61 9.59
CA GLU D 60 26.72 13.18 8.44
C GLU D 60 26.16 12.70 7.10
N SER D 61 25.08 11.92 7.09
CA SER D 61 24.30 11.55 5.91
C SER D 61 23.63 12.78 5.29
N PRO D 62 23.06 12.68 4.09
CA PRO D 62 22.35 13.84 3.51
C PRO D 62 21.24 14.39 4.40
N ALA D 63 20.50 13.50 5.07
CA ALA D 63 19.47 13.91 6.00
C ALA D 63 20.05 14.72 7.16
N ASP D 64 21.29 14.47 7.50
CA ASP D 64 21.88 15.13 8.64
C ASP D 64 22.55 16.44 8.28
N THR D 65 22.82 16.67 7.00
CA THR D 65 23.65 17.80 6.60
C THR D 65 22.94 18.85 5.76
N CYS D 66 21.67 18.65 5.38
CA CYS D 66 20.95 19.71 4.68
C CYS D 66 20.36 20.72 5.66
N ILE D 67 20.11 21.93 5.16
CA ILE D 67 19.52 22.99 5.98
C ILE D 67 18.18 23.43 5.39
N PRO D 68 17.05 23.20 6.08
CA PRO D 68 16.97 22.53 7.38
C PRO D 68 17.10 21.00 7.28
N LYS D 69 17.46 20.37 8.39
CA LYS D 69 17.82 18.95 8.44
C LYS D 69 16.72 18.14 9.12
N LEU D 70 16.84 16.83 8.97
CA LEU D 70 15.89 15.88 9.54
C LEU D 70 16.32 15.44 10.92
N ASN D 71 15.34 15.33 11.84
CA ASN D 71 15.59 15.01 13.25
C ASN D 71 14.89 13.72 13.63
N GLU D 72 15.43 13.05 14.65
CA GLU D 72 14.75 11.89 15.20
C GLU D 72 13.40 12.30 15.77
N GLY D 73 12.42 11.41 15.68
CA GLY D 73 11.10 11.68 16.21
C GLY D 73 10.21 12.54 15.33
N ASP D 74 10.76 13.15 14.28
CA ASP D 74 9.95 13.85 13.29
C ASP D 74 8.85 12.94 12.75
N GLN D 75 7.63 13.45 12.70
CA GLN D 75 6.50 12.72 12.13
C GLN D 75 6.30 13.12 10.68
N ILE D 76 6.26 12.12 9.79
CA ILE D 76 6.13 12.39 8.36
C ILE D 76 4.67 12.72 8.06
N VAL D 77 4.45 13.82 7.33
CA VAL D 77 3.14 14.25 6.91
C VAL D 77 2.98 14.11 5.41
N LEU D 78 3.88 14.71 4.65
CA LEU D 78 3.85 14.65 3.19
C LEU D 78 5.16 14.11 2.68
N ILE D 79 5.09 13.37 1.57
CA ILE D 79 6.26 12.89 0.88
C ILE D 79 6.14 13.40 -0.55
N ASN D 80 6.96 14.41 -0.88
CA ASN D 80 6.87 15.09 -2.16
C ASN D 80 5.43 15.53 -2.44
N GLY D 81 4.76 16.03 -1.41
CA GLY D 81 3.42 16.56 -1.53
C GLY D 81 2.33 15.54 -1.29
N ARG D 82 2.65 14.26 -1.31
CA ARG D 82 1.63 13.22 -1.14
C ARG D 82 1.29 13.05 0.33
N ASP D 83 0.01 13.22 0.67
CA ASP D 83 -0.50 12.89 2.00
C ASP D 83 -0.44 11.38 2.21
N ILE D 84 0.30 10.94 3.21
CA ILE D 84 0.57 9.51 3.44
C ILE D 84 -0.13 8.96 4.67
N SER D 85 -0.94 9.76 5.36
CA SER D 85 -1.53 9.34 6.64
C SER D 85 -2.28 8.01 6.59
N GLU D 86 -2.68 7.53 5.41
CA GLU D 86 -3.41 6.27 5.29
C GLU D 86 -2.62 5.18 4.59
N HIS D 87 -1.31 5.36 4.38
CA HIS D 87 -0.53 4.36 3.65
C HIS D 87 0.20 3.43 4.61
N THR D 88 0.64 2.28 4.08
CA THR D 88 1.33 1.30 4.91
C THR D 88 2.82 1.58 4.90
N HIS D 89 3.51 0.94 5.85
CA HIS D 89 4.97 1.09 5.93
C HIS D 89 5.64 0.83 4.59
N ASP D 90 5.37 -0.32 3.96
CA ASP D 90 6.03 -0.63 2.70
C ASP D 90 5.61 0.32 1.59
N GLN D 91 4.37 0.82 1.64
CA GLN D 91 3.93 1.81 0.66
C GLN D 91 4.72 3.09 0.80
N VAL D 92 4.78 3.62 2.02
CA VAL D 92 5.52 4.86 2.27
C VAL D 92 7.00 4.68 1.92
N VAL D 93 7.57 3.51 2.22
CA VAL D 93 8.96 3.26 1.85
C VAL D 93 9.14 3.36 0.34
N MET D 94 8.19 2.84 -0.42
CA MET D 94 8.34 2.85 -1.87
C MET D 94 8.17 4.25 -2.45
N PHE D 95 7.31 5.08 -1.86
CA PHE D 95 7.24 6.49 -2.27
C PHE D 95 8.57 7.20 -2.03
N ILE D 96 9.27 6.89 -0.93
CA ILE D 96 10.53 7.57 -0.65
C ILE D 96 11.60 7.16 -1.66
N LYS D 97 11.66 5.87 -2.00
CA LYS D 97 12.66 5.46 -2.98
C LYS D 97 12.36 6.05 -4.35
N ALA D 98 11.06 6.11 -4.73
CA ALA D 98 10.64 6.62 -6.03
C ALA D 98 11.06 8.07 -6.25
N SER D 99 11.15 8.86 -5.18
CA SER D 99 11.59 10.24 -5.32
C SER D 99 13.01 10.35 -5.85
N ARG D 100 13.74 9.23 -5.96
CA ARG D 100 15.14 9.29 -6.37
C ARG D 100 15.28 9.56 -7.86
N GLU D 101 14.43 8.98 -8.69
CA GLU D 101 14.41 9.33 -10.11
C GLU D 101 13.34 10.34 -10.44
N SER D 102 12.90 11.12 -9.46
CA SER D 102 11.95 12.19 -9.71
C SER D 102 12.60 13.26 -10.59
N HIS D 103 11.82 14.32 -10.85
CA HIS D 103 12.29 15.46 -11.64
C HIS D 103 13.61 15.98 -11.12
N SER D 104 13.61 16.49 -9.89
CA SER D 104 14.78 17.07 -9.28
C SER D 104 15.74 16.04 -8.68
N ARG D 105 15.41 14.75 -8.76
CA ARG D 105 16.19 13.70 -8.10
C ARG D 105 16.26 13.98 -6.60
N GLU D 106 15.17 14.52 -6.05
CA GLU D 106 15.18 15.10 -4.72
C GLU D 106 13.91 14.71 -3.98
N LEU D 107 14.06 14.50 -2.67
CA LEU D 107 12.98 14.16 -1.78
C LEU D 107 12.67 15.38 -0.92
N ALA D 108 11.39 15.72 -0.85
CA ALA D 108 10.90 16.82 -0.03
C ALA D 108 9.99 16.21 1.03
N LEU D 109 10.43 16.24 2.28
CA LEU D 109 9.63 15.75 3.40
C LEU D 109 8.99 16.93 4.09
N VAL D 110 7.67 16.89 4.24
CA VAL D 110 6.98 17.80 5.13
C VAL D 110 6.74 16.99 6.38
N ILE D 111 7.27 17.46 7.50
CA ILE D 111 7.23 16.69 8.73
C ILE D 111 6.65 17.57 9.81
N ARG D 112 6.17 16.95 10.87
CA ARG D 112 5.67 17.67 12.03
C ARG D 112 6.63 17.43 13.17
N ARG D 113 7.17 18.52 13.72
CA ARG D 113 8.15 18.44 14.80
C ARG D 113 7.58 19.01 16.09
N ASP E 22 24.20 -35.82 -0.76
CA ASP E 22 24.13 -34.37 -0.92
C ASP E 22 23.09 -33.79 0.05
N SER E 23 23.46 -33.67 1.32
CA SER E 23 22.57 -33.09 2.33
C SER E 23 22.70 -31.57 2.31
N TYR E 24 21.89 -30.89 3.12
CA TYR E 24 21.96 -29.44 3.14
C TYR E 24 21.39 -28.91 4.45
N LEU E 25 21.68 -27.64 4.71
CA LEU E 25 21.32 -26.96 5.94
C LEU E 25 20.24 -25.93 5.67
N VAL E 26 19.27 -25.85 6.57
CA VAL E 26 18.21 -24.87 6.50
C VAL E 26 18.12 -24.18 7.86
N LEU E 27 18.01 -22.86 7.83
CA LEU E 27 17.75 -22.07 9.02
C LEU E 27 16.26 -21.74 9.13
N ILE E 28 15.66 -22.10 10.26
CA ILE E 28 14.24 -21.95 10.50
C ILE E 28 14.04 -21.04 11.72
N ARG E 29 13.18 -20.04 11.57
CA ARG E 29 12.90 -19.07 12.62
C ARG E 29 11.46 -19.22 13.07
N ILE E 30 11.26 -19.53 14.34
CA ILE E 30 9.95 -19.87 14.88
C ILE E 30 9.65 -19.00 16.09
N THR E 31 8.45 -18.44 16.12
CA THR E 31 7.98 -17.70 17.28
C THR E 31 6.88 -18.49 17.98
N PRO E 32 6.95 -18.66 19.30
CA PRO E 32 5.94 -19.48 19.99
C PRO E 32 4.56 -18.85 19.98
N ASP E 33 3.55 -19.68 20.20
CA ASP E 33 2.18 -19.21 20.32
C ASP E 33 1.94 -18.67 21.74
N GLU E 34 0.68 -18.43 22.10
CA GLU E 34 0.34 -17.82 23.37
C GLU E 34 0.48 -18.77 24.56
N ASP E 35 0.64 -20.07 24.31
CA ASP E 35 0.99 -21.02 25.35
C ASP E 35 2.50 -21.23 25.48
N GLY E 36 3.29 -20.59 24.62
CA GLY E 36 4.72 -20.79 24.60
C GLY E 36 5.18 -22.08 23.96
N LYS E 37 4.38 -22.65 23.06
CA LYS E 37 4.75 -23.87 22.34
C LYS E 37 5.16 -23.52 20.90
N PHE E 38 6.07 -24.32 20.36
CA PHE E 38 6.51 -24.15 18.98
C PHE E 38 5.84 -25.12 18.01
N GLY E 39 5.34 -26.26 18.52
CA GLY E 39 4.58 -27.16 17.67
C GLY E 39 5.37 -28.26 17.01
N PHE E 40 6.46 -28.71 17.64
CA PHE E 40 7.15 -29.89 17.15
C PHE E 40 7.54 -30.75 18.35
N ASN E 41 7.72 -32.05 18.10
CA ASN E 41 8.28 -32.92 19.11
C ASN E 41 9.74 -33.22 18.78
N LEU E 42 10.51 -33.54 19.82
CA LEU E 42 11.93 -33.83 19.73
C LEU E 42 12.23 -35.20 20.31
N LYS E 43 13.13 -35.95 19.64
CA LYS E 43 13.76 -37.14 20.20
C LYS E 43 15.27 -37.02 20.10
N GLY E 44 15.97 -37.80 20.92
CA GLY E 44 17.42 -37.91 20.81
C GLY E 44 18.15 -37.06 21.83
N GLY E 45 19.49 -37.05 21.66
CA GLY E 45 20.40 -36.37 22.57
C GLY E 45 21.56 -37.28 22.94
N VAL E 46 22.64 -36.73 23.50
CA VAL E 46 23.83 -37.56 23.71
C VAL E 46 23.54 -38.64 24.72
N ASP E 47 22.68 -38.37 25.70
CA ASP E 47 22.25 -39.39 26.65
C ASP E 47 21.35 -40.42 26.02
N GLN E 48 20.69 -40.09 24.92
CA GLN E 48 19.80 -41.02 24.22
C GLN E 48 20.53 -41.81 23.14
N LYS E 49 21.81 -41.49 22.88
CA LYS E 49 22.63 -42.19 21.90
C LYS E 49 21.92 -42.28 20.55
N MET E 50 21.38 -41.15 20.12
CA MET E 50 20.63 -41.02 18.88
C MET E 50 20.75 -39.57 18.48
N PRO E 51 20.86 -39.28 17.19
CA PRO E 51 20.82 -37.87 16.76
C PRO E 51 19.56 -37.18 17.23
N LEU E 52 19.71 -35.90 17.51
CA LEU E 52 18.62 -35.03 17.88
C LEU E 52 17.77 -34.75 16.65
N VAL E 53 16.50 -35.17 16.66
CA VAL E 53 15.69 -35.22 15.45
C VAL E 53 14.26 -34.80 15.76
N VAL E 54 13.67 -33.99 14.89
CA VAL E 54 12.25 -33.62 14.97
C VAL E 54 11.41 -34.84 14.61
N SER E 55 10.56 -35.26 15.54
CA SER E 55 9.78 -36.46 15.31
C SER E 55 8.29 -36.18 15.07
N ARG E 56 7.84 -34.93 15.20
CA ARG E 56 6.45 -34.61 14.96
C ARG E 56 6.35 -33.13 14.62
N ILE E 57 5.45 -32.82 13.69
CA ILE E 57 5.01 -31.44 13.41
C ILE E 57 3.54 -31.37 13.75
N ASN E 58 3.20 -30.51 14.68
CA ASN E 58 1.81 -30.24 14.97
C ASN E 58 1.24 -29.35 13.86
N PRO E 59 0.22 -29.78 13.13
CA PRO E 59 -0.21 -28.99 11.96
C PRO E 59 -0.83 -27.66 12.35
N GLU E 60 -0.56 -26.63 11.54
CA GLU E 60 -0.93 -25.23 11.77
C GLU E 60 -0.15 -24.56 12.89
N SER E 61 0.77 -25.26 13.56
CA SER E 61 1.55 -24.67 14.62
C SER E 61 2.59 -23.70 14.06
N PRO E 62 3.19 -22.87 14.90
CA PRO E 62 4.25 -21.97 14.40
C PRO E 62 5.34 -22.69 13.61
N ALA E 63 5.74 -23.89 14.05
CA ALA E 63 6.75 -24.66 13.32
C ALA E 63 6.30 -25.00 11.91
N ASP E 64 4.98 -25.18 11.72
CA ASP E 64 4.39 -25.66 10.48
C ASP E 64 4.06 -24.53 9.51
N THR E 65 3.87 -23.31 10.01
CA THR E 65 3.45 -22.20 9.16
C THR E 65 4.52 -21.15 8.93
N CYS E 66 5.70 -21.27 9.53
CA CYS E 66 6.78 -20.36 9.18
C CYS E 66 7.40 -20.76 7.83
N ILE E 67 8.16 -19.84 7.24
CA ILE E 67 8.75 -20.05 5.92
C ILE E 67 10.22 -19.66 5.94
N PRO E 68 11.17 -20.60 5.75
CA PRO E 68 10.92 -22.04 5.60
C PRO E 68 10.33 -22.65 6.85
N LYS E 69 9.87 -23.89 6.75
CA LYS E 69 9.14 -24.53 7.83
C LYS E 69 9.91 -25.74 8.33
N LEU E 70 9.59 -26.15 9.56
CA LEU E 70 10.24 -27.29 10.17
C LEU E 70 9.51 -28.58 9.77
N ASN E 71 10.28 -29.64 9.52
CA ASN E 71 9.77 -30.90 8.97
C ASN E 71 10.10 -32.07 9.88
N GLU E 72 9.21 -33.05 9.89
CA GLU E 72 9.49 -34.30 10.59
CA GLU E 72 9.50 -34.30 10.60
C GLU E 72 10.76 -34.93 10.00
N GLY E 73 11.66 -35.38 10.88
CA GLY E 73 12.89 -35.97 10.43
C GLY E 73 14.05 -35.01 10.30
N ASP E 74 13.83 -33.70 10.43
CA ASP E 74 14.94 -32.77 10.46
C ASP E 74 15.87 -33.11 11.62
N GLN E 75 17.17 -33.04 11.36
CA GLN E 75 18.20 -33.23 12.39
C GLN E 75 18.63 -31.86 12.90
N ILE E 76 18.42 -31.62 14.19
CA ILE E 76 18.84 -30.35 14.79
C ILE E 76 20.37 -30.29 14.85
N VAL E 77 20.93 -29.18 14.35
CA VAL E 77 22.37 -28.93 14.39
C VAL E 77 22.71 -27.81 15.36
N LEU E 78 22.14 -26.63 15.14
CA LEU E 78 22.30 -25.49 16.04
C LEU E 78 20.97 -25.12 16.69
N ILE E 79 21.02 -24.72 17.94
CA ILE E 79 19.90 -24.07 18.62
C ILE E 79 20.35 -22.66 18.97
N ASN E 80 19.77 -21.65 18.30
CA ASN E 80 20.15 -20.26 18.51
C ASN E 80 21.67 -20.06 18.44
N GLY E 81 22.31 -20.83 17.55
CA GLY E 81 23.74 -20.72 17.32
C GLY E 81 24.56 -21.74 18.10
N ARG E 82 23.99 -22.31 19.15
CA ARG E 82 24.72 -23.23 20.01
C ARG E 82 24.79 -24.61 19.35
N ASP E 83 26.01 -25.12 19.18
CA ASP E 83 26.21 -26.53 18.82
C ASP E 83 25.69 -27.40 19.95
N ILE E 84 24.85 -28.37 19.61
CA ILE E 84 24.18 -29.18 20.62
C ILE E 84 24.51 -30.66 20.49
N SER E 85 25.52 -31.01 19.68
CA SER E 85 25.85 -32.41 19.44
C SER E 85 26.21 -33.15 20.73
N GLU E 86 26.87 -32.49 21.69
CA GLU E 86 27.29 -33.17 22.91
C GLU E 86 26.39 -32.84 24.11
N HIS E 87 25.12 -32.53 23.87
CA HIS E 87 24.18 -32.21 24.93
C HIS E 87 23.11 -33.28 25.09
N THR E 88 22.45 -33.26 26.24
CA THR E 88 21.42 -34.23 26.55
C THR E 88 20.07 -33.81 25.99
N HIS E 89 19.17 -34.77 25.92
CA HIS E 89 17.79 -34.47 25.57
C HIS E 89 17.24 -33.37 26.46
N ASP E 90 17.39 -33.54 27.78
CA ASP E 90 16.86 -32.59 28.74
C ASP E 90 17.50 -31.21 28.62
N GLN E 91 18.79 -31.15 28.28
CA GLN E 91 19.46 -29.86 28.11
C GLN E 91 18.95 -29.13 26.88
N VAL E 92 18.85 -29.86 25.77
CA VAL E 92 18.33 -29.32 24.51
C VAL E 92 16.92 -28.79 24.71
N VAL E 93 16.09 -29.53 25.46
CA VAL E 93 14.73 -29.05 25.76
C VAL E 93 14.78 -27.74 26.53
N MET E 94 15.72 -27.64 27.49
CA MET E 94 15.87 -26.40 28.25
C MET E 94 16.35 -25.24 27.36
N PHE E 95 17.18 -25.55 26.36
CA PHE E 95 17.64 -24.54 25.42
C PHE E 95 16.50 -24.02 24.55
N ILE E 96 15.62 -24.91 24.09
CA ILE E 96 14.53 -24.47 23.22
C ILE E 96 13.54 -23.61 24.01
N LYS E 97 13.16 -24.06 25.22
CA LYS E 97 12.24 -23.25 26.01
C LYS E 97 12.87 -21.93 26.49
N ALA E 98 14.21 -21.85 26.53
CA ALA E 98 14.83 -20.60 26.97
C ALA E 98 14.82 -19.53 25.88
N SER E 99 14.81 -19.94 24.61
CA SER E 99 14.77 -18.94 23.54
C SER E 99 13.50 -18.12 23.58
N ARG E 100 12.46 -18.59 24.30
CA ARG E 100 11.24 -17.80 24.45
C ARG E 100 11.50 -16.51 25.22
N GLU E 101 12.48 -16.51 26.11
CA GLU E 101 12.84 -15.32 26.87
C GLU E 101 13.99 -14.55 26.26
N SER E 102 14.47 -14.98 25.09
CA SER E 102 15.66 -14.41 24.48
C SER E 102 15.41 -12.97 24.01
N HIS E 103 16.49 -12.35 23.51
CA HIS E 103 16.45 -10.96 23.07
C HIS E 103 15.39 -10.77 21.98
N SER E 104 15.45 -11.59 20.93
CA SER E 104 14.49 -11.50 19.82
C SER E 104 13.18 -12.22 20.11
N ARG E 105 13.09 -12.94 21.23
CA ARG E 105 11.93 -13.75 21.58
C ARG E 105 11.54 -14.69 20.43
N GLU E 106 12.55 -15.25 19.78
CA GLU E 106 12.40 -16.08 18.60
C GLU E 106 13.44 -17.20 18.62
N LEU E 107 13.02 -18.40 18.24
CA LEU E 107 13.89 -19.57 18.22
C LEU E 107 14.44 -19.75 16.81
N ALA E 108 15.76 -19.67 16.67
CA ALA E 108 16.42 -20.03 15.42
C ALA E 108 16.93 -21.46 15.52
N LEU E 109 16.63 -22.27 14.53
CA LEU E 109 17.13 -23.64 14.45
C LEU E 109 17.85 -23.81 13.13
N VAL E 110 19.09 -24.26 13.18
CA VAL E 110 19.77 -24.76 11.99
C VAL E 110 19.57 -26.27 11.98
N ILE E 111 18.95 -26.79 10.93
CA ILE E 111 18.72 -28.22 10.81
C ILE E 111 19.40 -28.75 9.55
N ARG E 112 19.57 -30.08 9.51
CA ARG E 112 20.13 -30.81 8.37
C ARG E 112 19.02 -31.60 7.69
N ARG E 113 18.95 -31.50 6.36
CA ARG E 113 17.94 -32.25 5.60
C ARG E 113 18.61 -33.07 4.50
N ARG E 114 18.02 -34.22 4.21
CA ARG E 114 18.54 -35.12 3.18
C ARG E 114 17.59 -35.15 1.98
N ASP F 22 -14.73 37.09 -16.27
CA ASP F 22 -16.07 36.86 -15.74
C ASP F 22 -16.03 35.90 -14.56
N SER F 23 -17.21 35.56 -14.06
CA SER F 23 -17.35 34.66 -12.93
C SER F 23 -17.44 33.22 -13.41
N TYR F 24 -17.30 32.28 -12.48
CA TYR F 24 -17.37 30.86 -12.81
C TYR F 24 -17.88 30.10 -11.61
N LEU F 25 -18.29 28.86 -11.86
CA LEU F 25 -18.89 28.01 -10.85
C LEU F 25 -17.91 26.94 -10.44
N VAL F 26 -17.92 26.58 -9.15
CA VAL F 26 -17.13 25.47 -8.65
C VAL F 26 -18.01 24.61 -7.76
N LEU F 27 -17.89 23.30 -7.91
CA LEU F 27 -18.54 22.35 -7.01
C LEU F 27 -17.58 21.96 -5.90
N ILE F 28 -17.98 22.25 -4.66
CA ILE F 28 -17.18 21.97 -3.47
C ILE F 28 -17.89 20.88 -2.68
N ARG F 29 -17.14 19.87 -2.27
CA ARG F 29 -17.67 18.74 -1.53
C ARG F 29 -16.93 18.60 -0.21
N ILE F 30 -17.70 18.59 0.88
CA ILE F 30 -17.19 18.74 2.24
C ILE F 30 -17.84 17.70 3.13
N THR F 31 -17.06 16.97 3.84
CA THR F 31 -17.48 16.07 4.90
C THR F 31 -17.30 16.76 6.25
N PRO F 32 -18.27 16.68 7.17
CA PRO F 32 -18.14 17.40 8.44
C PRO F 32 -17.12 16.73 9.36
N ASP F 33 -16.70 17.49 10.36
CA ASP F 33 -15.67 16.99 11.26
C ASP F 33 -16.31 16.32 12.48
N GLU F 34 -15.50 16.07 13.52
CA GLU F 34 -15.89 15.24 14.64
C GLU F 34 -17.15 15.75 15.33
N ASP F 35 -17.38 17.06 15.32
CA ASP F 35 -18.52 17.66 15.99
C ASP F 35 -19.62 18.09 15.02
N GLY F 36 -19.58 17.61 13.78
CA GLY F 36 -20.56 18.01 12.79
C GLY F 36 -20.40 19.43 12.28
N LYS F 37 -19.17 19.96 12.29
CA LYS F 37 -18.90 21.30 11.79
C LYS F 37 -18.14 21.22 10.47
N PHE F 38 -18.43 22.15 9.56
CA PHE F 38 -17.81 22.20 8.24
C PHE F 38 -16.66 23.18 8.17
N GLY F 39 -16.66 24.21 9.00
CA GLY F 39 -15.55 25.14 9.05
C GLY F 39 -15.71 26.39 8.23
N PHE F 40 -16.92 26.81 7.91
CA PHE F 40 -17.11 28.13 7.32
C PHE F 40 -18.24 28.81 8.04
N ASN F 41 -18.35 30.13 7.82
CA ASN F 41 -19.52 30.90 8.23
C ASN F 41 -20.30 31.38 7.01
N LEU F 42 -21.60 31.60 7.21
CA LEU F 42 -22.51 32.03 6.15
C LEU F 42 -23.20 33.32 6.54
N LYS F 43 -23.43 34.19 5.55
CA LYS F 43 -24.27 35.36 5.68
C LYS F 43 -25.26 35.40 4.52
N GLY F 44 -26.39 36.05 4.74
CA GLY F 44 -27.35 36.28 3.67
C GLY F 44 -28.56 35.38 3.75
N GLY F 45 -29.43 35.55 2.76
CA GLY F 45 -30.67 34.78 2.63
C GLY F 45 -31.80 35.70 2.15
N VAL F 46 -32.94 35.14 1.75
CA VAL F 46 -33.97 36.02 1.20
C VAL F 46 -34.51 36.97 2.27
N ASP F 47 -34.57 36.52 3.53
CA ASP F 47 -35.01 37.38 4.62
C ASP F 47 -33.96 38.45 4.96
N GLN F 48 -32.69 38.18 4.66
CA GLN F 48 -31.60 39.13 4.87
C GLN F 48 -31.46 40.13 3.74
N LYS F 49 -32.14 39.91 2.61
CA LYS F 49 -32.04 40.78 1.44
C LYS F 49 -30.61 40.93 0.98
N MET F 50 -29.88 39.81 0.95
CA MET F 50 -28.48 39.81 0.56
C MET F 50 -28.20 38.41 0.02
N PRO F 51 -27.39 38.29 -1.03
CA PRO F 51 -27.06 36.95 -1.54
C PRO F 51 -26.33 36.14 -0.47
N LEU F 52 -26.50 34.83 -0.55
CA LEU F 52 -25.84 33.90 0.35
C LEU F 52 -24.34 33.83 0.03
N VAL F 53 -23.50 34.10 1.03
CA VAL F 53 -22.08 34.31 0.78
C VAL F 53 -21.28 33.77 1.96
N VAL F 54 -20.20 33.04 1.65
CA VAL F 54 -19.31 32.53 2.68
C VAL F 54 -18.54 33.69 3.30
N SER F 55 -18.64 33.85 4.61
CA SER F 55 -18.08 35.01 5.27
C SER F 55 -16.76 34.72 6.00
N ARG F 56 -16.44 33.47 6.26
CA ARG F 56 -15.21 33.14 6.94
C ARG F 56 -14.91 31.68 6.64
N ILE F 57 -13.63 31.37 6.46
CA ILE F 57 -13.14 30.01 6.36
C ILE F 57 -12.29 29.75 7.59
N ASN F 58 -12.69 28.78 8.38
CA ASN F 58 -11.94 28.41 9.56
C ASN F 58 -10.68 27.66 9.13
N PRO F 59 -9.48 28.19 9.39
CA PRO F 59 -8.26 27.56 8.84
C PRO F 59 -8.13 26.12 9.30
N GLU F 60 -7.70 25.25 8.37
CA GLU F 60 -7.49 23.81 8.59
C GLU F 60 -8.79 23.01 8.80
N SER F 61 -9.96 23.64 8.72
CA SER F 61 -11.22 22.93 8.85
C SER F 61 -11.50 22.10 7.58
N PRO F 62 -12.54 21.25 7.60
CA PRO F 62 -12.94 20.53 6.37
C PRO F 62 -13.17 21.41 5.16
N ALA F 63 -13.75 22.61 5.34
CA ALA F 63 -13.96 23.50 4.20
C ALA F 63 -12.66 24.02 3.62
N ASP F 64 -11.60 24.06 4.43
CA ASP F 64 -10.31 24.57 4.03
C ASP F 64 -9.41 23.50 3.42
N THR F 65 -9.62 22.23 3.75
CA THR F 65 -8.72 21.16 3.35
C THR F 65 -9.28 20.26 2.26
N CYS F 66 -10.53 20.46 1.82
CA CYS F 66 -11.03 19.70 0.69
C CYS F 66 -10.48 20.30 -0.60
N ILE F 67 -10.50 19.50 -1.67
CA ILE F 67 -10.02 19.94 -2.98
C ILE F 67 -11.10 19.72 -4.05
N PRO F 68 -11.67 20.78 -4.65
CA PRO F 68 -11.42 22.21 -4.43
C PRO F 68 -11.83 22.64 -3.03
N LYS F 69 -11.28 23.76 -2.54
CA LYS F 69 -11.61 24.25 -1.22
C LYS F 69 -12.64 25.35 -1.32
N LEU F 70 -13.19 25.73 -0.17
CA LEU F 70 -14.15 26.79 -0.09
C LEU F 70 -13.44 28.07 0.31
N ASN F 71 -13.78 29.18 -0.35
CA ASN F 71 -13.12 30.46 -0.11
C ASN F 71 -14.10 31.51 0.39
N GLU F 72 -13.60 32.36 1.28
CA GLU F 72 -14.31 33.57 1.67
C GLU F 72 -14.75 34.32 0.43
N GLY F 73 -16.02 34.76 0.41
CA GLY F 73 -16.56 35.47 -0.73
C GLY F 73 -17.27 34.60 -1.76
N ASP F 74 -17.12 33.29 -1.69
CA ASP F 74 -17.88 32.39 -2.55
C ASP F 74 -19.38 32.64 -2.36
N GLN F 75 -20.09 32.84 -3.47
CA GLN F 75 -21.53 33.00 -3.43
C GLN F 75 -22.19 31.63 -3.59
N ILE F 76 -23.00 31.23 -2.63
CA ILE F 76 -23.66 29.93 -2.71
C ILE F 76 -24.81 30.00 -3.72
N VAL F 77 -24.81 29.08 -4.67
CA VAL F 77 -25.83 28.99 -5.70
C VAL F 77 -26.74 27.78 -5.50
N LEU F 78 -26.15 26.59 -5.32
CA LEU F 78 -26.93 25.40 -4.98
C LEU F 78 -26.39 24.74 -3.72
N ILE F 79 -27.29 24.09 -2.98
CA ILE F 79 -26.96 23.28 -1.81
C ILE F 79 -27.54 21.88 -2.04
N ASN F 80 -26.68 20.90 -2.30
CA ASN F 80 -27.12 19.54 -2.64
C ASN F 80 -28.11 19.55 -3.80
N GLY F 81 -27.81 20.37 -4.80
CA GLY F 81 -28.68 20.49 -5.96
C GLY F 81 -29.83 21.45 -5.80
N ARG F 82 -30.13 21.91 -4.59
CA ARG F 82 -31.24 22.81 -4.35
C ARG F 82 -30.88 24.25 -4.68
N ASP F 83 -31.61 24.85 -5.60
CA ASP F 83 -31.53 26.30 -5.80
C ASP F 83 -32.06 27.01 -4.56
N ILE F 84 -31.19 27.75 -3.86
CA ILE F 84 -31.58 28.36 -2.58
C ILE F 84 -31.79 29.87 -2.71
N SER F 85 -31.84 30.40 -3.94
CA SER F 85 -32.04 31.84 -4.17
C SER F 85 -33.28 32.41 -3.47
N GLU F 86 -34.23 31.57 -3.05
CA GLU F 86 -35.47 32.05 -2.45
C GLU F 86 -35.67 31.51 -1.03
N HIS F 87 -34.60 31.12 -0.35
CA HIS F 87 -34.74 30.59 1.00
C HIS F 87 -34.17 31.57 2.02
N THR F 88 -34.61 31.42 3.27
CA THR F 88 -34.16 32.31 4.34
C THR F 88 -32.81 31.87 4.85
N HIS F 89 -32.20 32.73 5.65
CA HIS F 89 -30.94 32.36 6.30
C HIS F 89 -31.10 31.11 7.16
N ASP F 90 -32.16 31.08 7.98
CA ASP F 90 -32.39 29.92 8.83
C ASP F 90 -32.64 28.66 8.03
N GLN F 91 -33.26 28.78 6.84
CA GLN F 91 -33.50 27.61 6.02
C GLN F 91 -32.22 27.04 5.44
N VAL F 92 -31.40 27.89 4.81
CA VAL F 92 -30.17 27.38 4.20
C VAL F 92 -29.27 26.78 5.27
N VAL F 93 -29.33 27.32 6.49
CA VAL F 93 -28.56 26.73 7.59
C VAL F 93 -29.07 25.33 7.88
N MET F 94 -30.38 25.18 8.00
CA MET F 94 -31.00 23.86 8.18
C MET F 94 -30.68 22.92 7.02
N PHE F 95 -30.65 23.43 5.78
CA PHE F 95 -30.29 22.59 4.64
C PHE F 95 -28.85 22.10 4.75
N ILE F 96 -27.93 22.98 5.18
CA ILE F 96 -26.53 22.58 5.32
C ILE F 96 -26.39 21.52 6.41
N LYS F 97 -26.92 21.80 7.60
CA LYS F 97 -26.79 20.86 8.72
C LYS F 97 -27.42 19.50 8.42
N ALA F 98 -28.47 19.46 7.59
CA ALA F 98 -29.12 18.19 7.27
C ALA F 98 -28.20 17.24 6.53
N SER F 99 -27.29 17.75 5.68
CA SER F 99 -26.47 16.83 4.91
C SER F 99 -25.55 15.98 5.77
N ARG F 100 -25.39 16.32 7.05
CA ARG F 100 -24.58 15.47 7.94
C ARG F 100 -25.25 14.12 8.18
N GLU F 101 -26.58 14.05 8.07
CA GLU F 101 -27.32 12.82 8.31
C GLU F 101 -27.67 12.07 7.02
N SER F 102 -27.27 12.59 5.86
CA SER F 102 -27.59 11.96 4.59
C SER F 102 -26.77 10.68 4.39
N HIS F 103 -26.93 10.07 3.22
CA HIS F 103 -26.24 8.81 2.94
C HIS F 103 -24.75 9.03 2.81
N SER F 104 -24.35 9.95 1.93
CA SER F 104 -22.94 10.26 1.74
C SER F 104 -22.33 10.94 2.95
N ARG F 105 -23.15 11.58 3.80
CA ARG F 105 -22.67 12.47 4.86
C ARG F 105 -21.76 13.57 4.30
N GLU F 106 -22.05 14.00 3.08
CA GLU F 106 -21.22 14.89 2.30
C GLU F 106 -22.07 16.07 1.84
N LEU F 107 -21.61 17.28 2.15
CA LEU F 107 -22.26 18.50 1.69
C LEU F 107 -21.70 18.88 0.33
N ALA F 108 -22.58 19.20 -0.61
CA ALA F 108 -22.17 19.65 -1.93
C ALA F 108 -22.68 21.07 -2.15
N LEU F 109 -21.75 22.00 -2.30
CA LEU F 109 -22.08 23.39 -2.60
C LEU F 109 -21.61 23.72 -4.00
N VAL F 110 -22.51 24.25 -4.84
CA VAL F 110 -22.09 24.89 -6.07
C VAL F 110 -21.99 26.37 -5.76
N ILE F 111 -20.79 26.93 -5.90
CA ILE F 111 -20.60 28.32 -5.60
C ILE F 111 -20.18 29.05 -6.87
N ARG F 112 -20.30 30.36 -6.82
CA ARG F 112 -19.87 31.27 -7.89
C ARG F 112 -18.68 32.06 -7.37
N ARG F 113 -17.56 31.98 -8.08
CA ARG F 113 -16.33 32.66 -7.71
C ARG F 113 -16.04 33.78 -8.70
N ARG F 114 -15.45 34.85 -8.20
CA ARG F 114 -15.06 35.97 -9.06
C ARG F 114 -13.54 36.06 -9.14
N THR G 5 16.85 -26.89 -28.18
CA THR G 5 17.54 -25.73 -27.63
C THR G 5 17.22 -25.53 -26.13
N ARG G 6 16.32 -24.59 -25.83
CA ARG G 6 16.06 -24.18 -24.46
C ARG G 6 15.15 -25.18 -23.75
N ARG G 7 15.45 -25.45 -22.48
CA ARG G 7 14.86 -26.59 -21.78
C ARG G 7 13.51 -26.26 -21.17
N GLU G 8 12.56 -27.18 -21.33
CA GLU G 8 11.32 -27.18 -20.58
C GLU G 8 11.09 -28.63 -20.18
N THR G 9 10.86 -28.88 -18.91
CA THR G 9 10.80 -30.24 -18.39
C THR G 9 9.46 -30.41 -17.68
N GLN G 10 8.76 -31.50 -18.00
CA GLN G 10 7.50 -31.84 -17.37
C GLN G 10 7.77 -32.65 -16.12
N LEU G 11 7.18 -32.24 -15.02
CA LEU G 11 7.21 -33.13 -13.85
C LEU G 11 5.94 -33.05 -13.00
N ARG H 6 6.11 26.20 -27.69
CA ARG H 6 7.18 27.18 -27.83
C ARG H 6 6.88 28.47 -27.08
N ARG H 7 5.80 28.49 -26.30
CA ARG H 7 5.50 29.62 -25.43
C ARG H 7 5.85 29.26 -23.99
N GLU H 8 6.65 30.10 -23.35
CA GLU H 8 6.96 29.93 -21.93
C GLU H 8 6.86 31.30 -21.27
N THR H 9 6.03 31.41 -20.25
CA THR H 9 5.68 32.69 -19.67
C THR H 9 6.10 32.70 -18.21
N GLN H 10 6.66 33.83 -17.78
CA GLN H 10 7.15 34.02 -16.43
C GLN H 10 6.03 34.58 -15.58
N LEU H 11 5.57 33.80 -14.61
CA LEU H 11 4.50 34.21 -13.72
C LEU H 11 5.05 34.64 -12.38
N ARG I 6 -16.28 2.35 5.34
CA ARG I 6 -16.97 3.39 4.60
C ARG I 6 -16.93 3.16 3.08
N ARG I 7 -15.74 2.90 2.54
CA ARG I 7 -15.57 2.77 1.09
C ARG I 7 -16.05 1.41 0.58
N GLU I 8 -16.58 1.41 -0.64
CA GLU I 8 -17.05 0.22 -1.31
C GLU I 8 -16.68 0.34 -2.77
N THR I 9 -16.08 -0.70 -3.33
CA THR I 9 -15.53 -0.63 -4.68
C THR I 9 -16.13 -1.73 -5.54
N GLN I 10 -16.34 -1.42 -6.82
CA GLN I 10 -16.88 -2.39 -7.76
C GLN I 10 -15.72 -3.05 -8.49
N LEU I 11 -15.59 -4.37 -8.33
CA LEU I 11 -14.58 -5.17 -9.01
C LEU I 11 -15.20 -6.05 -10.10
N ARG J 6 7.68 -2.60 15.46
CA ARG J 6 7.90 -3.99 15.05
C ARG J 6 8.51 -4.06 13.64
N ARG J 7 8.51 -2.93 12.94
CA ARG J 7 9.05 -2.81 11.60
C ARG J 7 9.78 -1.49 11.45
N GLU J 8 11.05 -1.54 11.04
CA GLU J 8 11.90 -0.36 10.90
C GLU J 8 12.79 -0.53 9.69
N THR J 9 12.75 0.43 8.76
CA THR J 9 13.41 0.32 7.47
C THR J 9 14.42 1.45 7.28
N GLN J 10 15.57 1.13 6.67
CA GLN J 10 16.64 2.10 6.43
C GLN J 10 16.49 2.70 5.04
N LEU J 11 16.39 4.02 4.98
CA LEU J 11 16.23 4.71 3.70
C LEU J 11 17.42 5.59 3.41
N ARG K 6 14.31 -43.68 22.84
CA ARG K 6 13.19 -43.95 23.73
C ARG K 6 12.95 -42.79 24.68
N ARG K 7 12.50 -41.65 24.13
CA ARG K 7 12.27 -40.43 24.88
C ARG K 7 11.87 -39.31 23.93
N GLU K 8 10.66 -38.77 24.09
CA GLU K 8 10.09 -37.82 23.13
C GLU K 8 9.40 -36.70 23.90
N THR K 9 9.76 -35.45 23.58
CA THR K 9 9.27 -34.29 24.31
C THR K 9 8.55 -33.32 23.38
N GLN K 10 7.48 -32.72 23.88
CA GLN K 10 6.67 -31.79 23.09
C GLN K 10 7.15 -30.36 23.34
N LEU K 11 7.67 -29.72 22.30
CA LEU K 11 8.11 -28.33 22.40
C LEU K 11 7.15 -27.38 21.69
N THR L 5 -30.33 42.64 12.71
CA THR L 5 -28.88 42.64 12.94
C THR L 5 -28.11 42.24 11.68
N ARG L 6 -28.80 41.53 10.79
CA ARG L 6 -28.20 40.85 9.64
C ARG L 6 -27.20 39.81 10.14
N ARG L 7 -27.49 38.54 9.87
CA ARG L 7 -26.94 37.43 10.64
C ARG L 7 -25.75 36.77 9.96
N GLU L 8 -24.91 36.17 10.79
CA GLU L 8 -23.78 35.34 10.38
C GLU L 8 -23.84 34.10 11.26
N THR L 9 -23.72 32.92 10.65
CA THR L 9 -23.87 31.68 11.38
C THR L 9 -22.66 30.78 11.14
N GLN L 10 -22.22 30.07 12.19
CA GLN L 10 -21.07 29.18 12.09
C GLN L 10 -21.56 27.78 11.71
N LEU L 11 -21.26 27.38 10.49
CA LEU L 11 -21.63 26.07 9.96
C LEU L 11 -20.49 25.05 10.08
I IOD M . -4.74 -20.13 -3.79
I IOD M . -3.98 -19.22 -4.73
I IOD N . 6.24 19.33 -1.68
I IOD N . 5.93 19.80 -0.66
I IOD O . -21.07 -22.71 -3.99
I IOD P . 10.42 -25.45 3.45
I IOD Q . -9.28 25.62 -5.01
I IOD R . -24.39 19.32 -7.38
I IOD R . -24.95 18.47 -6.34
#